data_6WP8
#
_entry.id   6WP8
#
_cell.length_a   103.741
_cell.length_b   103.741
_cell.length_c   55.213
_cell.angle_alpha   90.000
_cell.angle_beta   90.000
_cell.angle_gamma   120.000
#
_symmetry.space_group_name_H-M   'P 3 2 1'
#
loop_
_entity.id
_entity.type
_entity.pdbx_description
1 polymer 'Proton-pumping rhodopsin chloride pump'
2 non-polymer RETINAL
3 non-polymer 'octyl beta-D-glucopyranoside'
4 water water
#
_entity_poly.entity_id   1
_entity_poly.type   'polypeptide(L)'
_entity_poly.pdbx_seq_one_letter_code
;MTQAWLWIGVISMALGSVFFGFGAHNAKNERWQILYTLNFFICLIAAGLYLAMALGLGVNVINGRPTYWVRFVDWFCSTP
LLLLDLTFLGRTSLPLTGSLLGANAYMLVTGFVATVTPKPMSYIWYIVSCAAYLAIVYLLAQPYRIAAERKHPRSKQAFR
TLVTVHLVLWTLYPIVWILSPEGFSTFTQGSETMFYTLLDIASKVGFGFLSLNTLHTLEQATEPARETHLSYLEHHHHHH
;
_entity_poly.pdbx_strand_id   A
#
# COMPACT_ATOMS: atom_id res chain seq x y z
N MET A 1 -18.10 1.30 -15.59
CA MET A 1 -17.08 2.13 -14.97
C MET A 1 -16.52 1.45 -13.72
N THR A 2 -17.35 1.37 -12.68
CA THR A 2 -16.93 0.69 -11.45
C THR A 2 -16.62 -0.77 -11.69
N GLN A 3 -17.49 -1.48 -12.42
CA GLN A 3 -17.27 -2.89 -12.69
C GLN A 3 -16.08 -3.11 -13.62
N ALA A 4 -15.85 -2.21 -14.58
CA ALA A 4 -14.71 -2.37 -15.47
C ALA A 4 -13.40 -2.30 -14.70
N TRP A 5 -13.25 -1.30 -13.84
CA TRP A 5 -11.99 -1.13 -13.11
C TRP A 5 -11.81 -2.20 -12.05
N LEU A 6 -12.90 -2.72 -11.50
CA LEU A 6 -12.79 -3.84 -10.57
C LEU A 6 -12.18 -5.06 -11.26
N TRP A 7 -12.66 -5.38 -12.46
CA TRP A 7 -12.09 -6.52 -13.17
C TRP A 7 -10.68 -6.25 -13.65
N ILE A 8 -10.39 -5.00 -14.05
CA ILE A 8 -9.02 -4.65 -14.42
C ILE A 8 -8.08 -4.87 -13.24
N GLY A 9 -8.51 -4.46 -12.04
CA GLY A 9 -7.74 -4.72 -10.85
C GLY A 9 -7.54 -6.21 -10.58
N VAL A 10 -8.57 -7.01 -10.85
CA VAL A 10 -8.41 -8.46 -10.70
C VAL A 10 -7.33 -8.98 -11.63
N ILE A 11 -7.43 -8.65 -12.92
CA ILE A 11 -6.51 -9.20 -13.92
C ILE A 11 -5.09 -8.71 -13.68
N SER A 12 -4.92 -7.41 -13.43
CA SER A 12 -3.58 -6.88 -13.22
C SER A 12 -2.94 -7.46 -11.96
N MET A 13 -3.68 -7.51 -10.85
CA MET A 13 -3.14 -8.11 -9.63
C MET A 13 -2.91 -9.59 -9.81
N ALA A 14 -3.75 -10.27 -10.59
CA ALA A 14 -3.48 -11.66 -10.94
C ALA A 14 -2.21 -11.77 -11.78
N LEU A 15 -2.10 -10.93 -12.81
CA LEU A 15 -0.89 -10.95 -13.63
C LEU A 15 0.34 -10.63 -12.80
N GLY A 16 0.23 -9.65 -11.89
CA GLY A 16 1.31 -9.39 -10.96
C GLY A 16 1.66 -10.61 -10.12
N SER A 17 0.65 -11.29 -9.60
CA SER A 17 0.90 -12.45 -8.73
C SER A 17 1.68 -13.53 -9.46
N VAL A 18 1.38 -13.73 -10.75
CA VAL A 18 2.11 -14.73 -11.53
C VAL A 18 3.58 -14.33 -11.68
N PHE A 19 3.84 -13.04 -11.92
CA PHE A 19 5.22 -12.59 -12.11
C PHE A 19 6.05 -12.80 -10.85
N PHE A 20 5.56 -12.31 -9.71
CA PHE A 20 6.28 -12.54 -8.46
C PHE A 20 6.27 -14.00 -8.05
N GLY A 21 5.27 -14.76 -8.50
CA GLY A 21 5.24 -16.18 -8.19
C GLY A 21 6.40 -16.93 -8.81
N PHE A 22 6.64 -16.71 -10.11
CA PHE A 22 7.72 -17.43 -10.77
C PHE A 22 9.08 -16.94 -10.31
N GLY A 23 9.21 -15.65 -10.00
CA GLY A 23 10.44 -15.16 -9.44
C GLY A 23 10.77 -15.80 -8.11
N ALA A 24 9.75 -16.07 -7.30
CA ALA A 24 9.97 -16.76 -6.03
C ALA A 24 10.39 -18.20 -6.25
N HIS A 25 9.78 -18.87 -7.24
CA HIS A 25 10.12 -20.26 -7.52
C HIS A 25 11.53 -20.39 -8.10
N ASN A 26 11.97 -19.42 -8.89
CA ASN A 26 13.30 -19.42 -9.49
C ASN A 26 14.25 -18.48 -8.78
N ALA A 27 14.08 -18.31 -7.47
CA ALA A 27 14.76 -17.25 -6.74
C ALA A 27 16.27 -17.52 -6.69
N LYS A 28 17.03 -16.42 -6.73
CA LYS A 28 18.48 -16.46 -6.66
C LYS A 28 18.93 -17.08 -5.34
N ASN A 29 18.92 -16.27 -4.29
CA ASN A 29 19.24 -16.69 -2.94
C ASN A 29 17.98 -16.58 -2.08
N GLU A 30 18.16 -16.51 -0.77
CA GLU A 30 17.01 -16.39 0.12
C GLU A 30 16.48 -14.96 0.18
N ARG A 31 17.36 -13.96 0.01
CA ARG A 31 16.89 -12.58 0.06
C ARG A 31 16.00 -12.26 -1.13
N TRP A 32 16.36 -12.76 -2.32
CA TRP A 32 15.46 -12.62 -3.46
C TRP A 32 14.18 -13.44 -3.26
N GLN A 33 14.29 -14.61 -2.64
CA GLN A 33 13.12 -15.42 -2.34
C GLN A 33 12.15 -14.67 -1.43
N ILE A 34 12.67 -14.08 -0.36
CA ILE A 34 11.81 -13.33 0.55
C ILE A 34 11.15 -12.17 -0.16
N LEU A 35 11.89 -11.48 -1.04
CA LEU A 35 11.35 -10.30 -1.69
C LEU A 35 10.30 -10.67 -2.73
N TYR A 36 10.55 -11.71 -3.52
CA TYR A 36 9.54 -12.19 -4.45
C TYR A 36 8.32 -12.74 -3.71
N THR A 37 8.52 -13.35 -2.54
CA THR A 37 7.40 -13.94 -1.80
C THR A 37 6.51 -12.88 -1.20
N LEU A 38 7.11 -11.84 -0.59
CA LEU A 38 6.33 -10.73 -0.06
C LEU A 38 5.43 -10.13 -1.15
N ASN A 39 6.05 -9.67 -2.24
CA ASN A 39 5.27 -8.98 -3.26
C ASN A 39 4.23 -9.89 -3.89
N PHE A 40 4.48 -11.21 -3.93
CA PHE A 40 3.47 -12.13 -4.44
C PHE A 40 2.21 -12.09 -3.58
N PHE A 41 2.37 -12.17 -2.26
CA PHE A 41 1.20 -12.19 -1.38
C PHE A 41 0.52 -10.82 -1.32
N ILE A 42 1.27 -9.75 -1.55
CA ILE A 42 0.66 -8.43 -1.62
C ILE A 42 -0.34 -8.38 -2.78
N CYS A 43 0.06 -8.90 -3.94
CA CYS A 43 -0.80 -8.92 -5.11
C CYS A 43 -1.90 -9.96 -5.00
N LEU A 44 -1.60 -11.13 -4.44
CA LEU A 44 -2.64 -12.16 -4.29
C LEU A 44 -3.72 -11.71 -3.32
N ILE A 45 -3.34 -11.04 -2.23
CA ILE A 45 -4.32 -10.47 -1.32
C ILE A 45 -5.15 -9.42 -2.05
N ALA A 46 -4.51 -8.62 -2.88
CA ALA A 46 -5.24 -7.62 -3.66
C ALA A 46 -6.11 -8.29 -4.73
N ALA A 47 -5.61 -9.37 -5.33
CA ALA A 47 -6.36 -10.00 -6.41
C ALA A 47 -7.65 -10.64 -5.91
N GLY A 48 -7.60 -11.30 -4.75
CA GLY A 48 -8.82 -11.86 -4.18
C GLY A 48 -9.78 -10.80 -3.71
N LEU A 49 -9.25 -9.68 -3.19
CA LEU A 49 -10.10 -8.58 -2.74
C LEU A 49 -10.85 -7.96 -3.91
N TYR A 50 -10.15 -7.67 -5.00
CA TYR A 50 -10.84 -7.13 -6.16
C TYR A 50 -11.78 -8.17 -6.76
N LEU A 51 -11.47 -9.46 -6.60
CA LEU A 51 -12.42 -10.49 -7.01
C LEU A 51 -13.70 -10.42 -6.18
N ALA A 52 -13.57 -10.14 -4.89
CA ALA A 52 -14.76 -10.06 -4.05
C ALA A 52 -15.59 -8.82 -4.38
N MET A 53 -14.93 -7.67 -4.56
CA MET A 53 -15.66 -6.44 -4.90
C MET A 53 -16.29 -6.54 -6.28
N ALA A 54 -15.57 -7.10 -7.26
CA ALA A 54 -16.15 -7.27 -8.58
C ALA A 54 -17.39 -8.15 -8.54
N LEU A 55 -17.41 -9.15 -7.67
CA LEU A 55 -18.58 -10.00 -7.49
C LEU A 55 -19.61 -9.39 -6.54
N GLY A 56 -19.45 -8.12 -6.16
CA GLY A 56 -20.42 -7.45 -5.32
C GLY A 56 -20.32 -7.76 -3.85
N LEU A 57 -19.26 -8.42 -3.41
CA LEU A 57 -19.08 -8.73 -2.00
C LEU A 57 -18.28 -7.63 -1.32
N GLY A 58 -18.58 -7.42 -0.04
CA GLY A 58 -17.85 -6.44 0.74
C GLY A 58 -18.21 -5.01 0.47
N VAL A 59 -19.31 -4.76 -0.23
CA VAL A 59 -19.81 -3.41 -0.48
C VAL A 59 -21.20 -3.31 0.11
N ASN A 60 -21.44 -2.27 0.91
CA ASN A 60 -22.72 -2.04 1.55
C ASN A 60 -22.97 -0.54 1.60
N VAL A 61 -24.23 -0.14 1.40
CA VAL A 61 -24.56 1.28 1.42
C VAL A 61 -24.55 1.76 2.86
N ILE A 62 -23.66 2.71 3.17
CA ILE A 62 -23.57 3.33 4.48
C ILE A 62 -23.63 4.84 4.29
N ASN A 63 -24.35 5.51 5.18
CA ASN A 63 -24.57 6.95 5.10
C ASN A 63 -25.16 7.36 3.75
N GLY A 64 -25.83 6.44 3.07
CA GLY A 64 -26.44 6.73 1.78
C GLY A 64 -25.54 6.60 0.59
N ARG A 65 -24.45 5.83 0.68
CA ARG A 65 -23.49 5.72 -0.42
C ARG A 65 -22.85 4.34 -0.47
N PRO A 66 -22.76 3.73 -1.65
CA PRO A 66 -22.08 2.42 -1.76
C PRO A 66 -20.64 2.52 -1.29
N THR A 67 -20.32 1.75 -0.26
CA THR A 67 -19.01 1.79 0.40
C THR A 67 -18.39 0.41 0.35
N TYR A 68 -17.17 0.34 -0.18
CA TYR A 68 -16.44 -0.93 -0.25
C TYR A 68 -15.57 -1.05 1.00
N TRP A 69 -16.23 -1.41 2.11
CA TRP A 69 -15.53 -1.50 3.39
C TRP A 69 -14.46 -2.59 3.35
N VAL A 70 -14.65 -3.62 2.53
CA VAL A 70 -13.72 -4.73 2.46
C VAL A 70 -12.36 -4.31 1.91
N ARG A 71 -12.27 -3.13 1.30
CA ARG A 71 -10.97 -2.59 0.92
C ARG A 71 -10.05 -2.49 2.12
N PHE A 72 -10.61 -2.26 3.30
CA PHE A 72 -9.79 -2.09 4.50
C PHE A 72 -9.24 -3.40 5.05
N VAL A 73 -9.83 -4.54 4.69
CA VAL A 73 -9.20 -5.81 5.06
C VAL A 73 -8.09 -6.16 4.08
N ASP A 74 -8.22 -5.71 2.83
CA ASP A 74 -7.10 -5.78 1.91
C ASP A 74 -5.91 -5.05 2.50
N TRP A 75 -6.09 -3.75 2.74
CA TRP A 75 -4.98 -2.89 3.12
C TRP A 75 -4.40 -3.30 4.46
N PHE A 76 -5.24 -3.72 5.40
CA PHE A 76 -4.72 -4.11 6.72
C PHE A 76 -3.76 -5.29 6.63
N CYS A 77 -3.95 -6.16 5.65
CA CYS A 77 -3.11 -7.33 5.46
C CYS A 77 -1.97 -7.08 4.45
N SER A 78 -2.23 -6.31 3.41
CA SER A 78 -1.23 -6.09 2.37
C SER A 78 -0.29 -4.95 2.68
N THR A 79 -0.78 -3.84 3.26
CA THR A 79 0.12 -2.72 3.52
C THR A 79 1.25 -3.04 4.48
N PRO A 80 1.08 -3.83 5.55
CA PRO A 80 2.26 -4.19 6.36
C PRO A 80 3.29 -4.96 5.55
N LEU A 81 2.86 -5.77 4.59
CA LEU A 81 3.79 -6.46 3.70
C LEU A 81 4.56 -5.47 2.84
N LEU A 82 3.88 -4.42 2.38
CA LEU A 82 4.57 -3.37 1.62
C LEU A 82 5.62 -2.65 2.46
N LEU A 83 5.31 -2.42 3.74
CA LEU A 83 6.30 -1.80 4.61
C LEU A 83 7.44 -2.75 4.94
N LEU A 84 7.15 -4.05 5.05
CA LEU A 84 8.24 -5.01 5.24
C LEU A 84 9.22 -4.96 4.08
N ASP A 85 8.73 -4.77 2.84
CA ASP A 85 9.61 -4.53 1.71
C ASP A 85 10.66 -3.47 2.03
N LEU A 86 10.20 -2.31 2.53
CA LEU A 86 11.12 -1.23 2.85
C LEU A 86 12.08 -1.64 3.96
N THR A 87 11.56 -2.24 5.04
CA THR A 87 12.43 -2.58 6.15
C THR A 87 13.34 -3.75 5.82
N PHE A 88 12.92 -4.64 4.92
CA PHE A 88 13.77 -5.77 4.53
C PHE A 88 14.94 -5.30 3.67
N LEU A 89 14.67 -4.52 2.64
CA LEU A 89 15.74 -3.93 1.84
C LEU A 89 16.63 -3.04 2.71
N GLY A 90 16.02 -2.31 3.65
CA GLY A 90 16.77 -1.40 4.48
C GLY A 90 17.50 -2.03 5.65
N ARG A 91 17.14 -3.26 6.01
CA ARG A 91 17.68 -3.91 7.20
C ARG A 91 17.47 -3.04 8.43
N THR A 92 16.20 -2.70 8.65
CA THR A 92 15.80 -1.71 9.65
C THR A 92 15.80 -2.32 11.05
N SER A 93 16.05 -1.46 12.04
CA SER A 93 15.97 -1.86 13.44
C SER A 93 14.60 -2.46 13.76
N LEU A 94 14.60 -3.40 14.72
CA LEU A 94 13.34 -3.96 15.18
C LEU A 94 12.39 -2.93 15.77
N PRO A 95 12.81 -2.00 16.64
CA PRO A 95 11.83 -1.02 17.14
C PRO A 95 11.34 -0.05 16.09
N LEU A 96 12.17 0.30 15.10
CA LEU A 96 11.70 1.17 14.01
C LEU A 96 10.80 0.41 13.04
N THR A 97 11.05 -0.87 12.81
CA THR A 97 10.14 -1.65 11.97
C THR A 97 8.80 -1.83 12.66
N GLY A 98 8.80 -2.15 13.95
CA GLY A 98 7.55 -2.28 14.68
C GLY A 98 6.76 -0.99 14.70
N SER A 99 7.45 0.15 14.79
CA SER A 99 6.77 1.44 14.79
C SER A 99 6.08 1.70 13.47
N LEU A 100 6.70 1.30 12.35
CA LEU A 100 6.08 1.47 11.05
C LEU A 100 4.84 0.60 10.91
N LEU A 101 4.91 -0.67 11.34
CA LEU A 101 3.74 -1.53 11.23
C LEU A 101 2.66 -1.10 12.21
N GLY A 102 3.05 -0.74 13.43
CA GLY A 102 2.08 -0.25 14.39
C GLY A 102 1.39 1.02 13.93
N ALA A 103 2.16 1.98 13.41
CA ALA A 103 1.56 3.22 12.94
C ALA A 103 0.67 2.97 11.73
N ASN A 104 1.06 2.03 10.87
CA ASN A 104 0.24 1.70 9.70
C ASN A 104 -1.10 1.11 10.12
N ALA A 105 -1.09 0.16 11.06
CA ALA A 105 -2.34 -0.44 11.52
C ALA A 105 -3.24 0.61 12.18
N TYR A 106 -2.64 1.51 12.97
CA TYR A 106 -3.40 2.60 13.56
C TYR A 106 -4.08 3.45 12.49
N MET A 107 -3.33 3.82 11.45
CA MET A 107 -3.88 4.64 10.38
C MET A 107 -5.05 3.95 9.69
N LEU A 108 -4.96 2.63 9.52
CA LEU A 108 -5.98 1.90 8.77
C LEU A 108 -7.23 1.66 9.59
N VAL A 109 -7.07 1.28 10.86
CA VAL A 109 -8.23 1.11 11.73
C VAL A 109 -9.00 2.42 11.86
N THR A 110 -8.30 3.52 12.18
CA THR A 110 -9.00 4.79 12.30
C THR A 110 -9.54 5.27 10.97
N GLY A 111 -8.89 4.91 9.87
CA GLY A 111 -9.44 5.21 8.55
C GLY A 111 -10.72 4.44 8.30
N PHE A 112 -10.75 3.17 8.69
CA PHE A 112 -11.98 2.39 8.63
C PHE A 112 -13.08 3.04 9.44
N VAL A 113 -12.75 3.52 10.64
CA VAL A 113 -13.76 4.16 11.47
C VAL A 113 -14.27 5.42 10.77
N ALA A 114 -13.37 6.18 10.15
CA ALA A 114 -13.81 7.34 9.37
C ALA A 114 -14.66 6.92 8.18
N THR A 115 -14.32 5.80 7.54
CA THR A 115 -15.06 5.37 6.37
C THR A 115 -16.50 5.00 6.72
N VAL A 116 -16.71 4.28 7.83
CA VAL A 116 -18.03 3.75 8.17
C VAL A 116 -18.84 4.66 9.07
N THR A 117 -18.32 5.84 9.44
CA THR A 117 -19.06 6.77 10.28
C THR A 117 -19.57 7.94 9.44
N PRO A 118 -20.69 8.54 9.83
CA PRO A 118 -21.25 9.66 9.06
C PRO A 118 -20.50 10.96 9.35
N LYS A 119 -20.76 11.94 8.50
CA LYS A 119 -20.25 13.29 8.71
C LYS A 119 -21.04 13.98 9.82
N PRO A 120 -20.37 14.83 10.63
CA PRO A 120 -18.95 15.19 10.53
C PRO A 120 -18.07 14.35 11.45
N MET A 121 -18.66 13.32 12.07
CA MET A 121 -17.88 12.42 12.93
C MET A 121 -16.71 11.82 12.16
N SER A 122 -16.94 11.41 10.91
CA SER A 122 -15.88 10.85 10.08
C SER A 122 -14.71 11.82 9.92
N TYR A 123 -14.97 13.13 9.95
CA TYR A 123 -13.89 14.10 9.79
C TYR A 123 -12.90 14.02 10.93
N ILE A 124 -13.38 13.74 12.15
CA ILE A 124 -12.46 13.55 13.28
C ILE A 124 -11.54 12.38 13.01
N TRP A 125 -12.11 11.22 12.66
CA TRP A 125 -11.29 10.03 12.44
C TRP A 125 -10.45 10.13 11.19
N TYR A 126 -10.83 10.98 10.24
CA TYR A 126 -9.95 11.28 9.12
C TYR A 126 -8.70 12.02 9.59
N ILE A 127 -8.87 13.02 10.45
CA ILE A 127 -7.72 13.75 10.97
C ILE A 127 -6.86 12.85 11.85
N VAL A 128 -7.48 11.92 12.59
CA VAL A 128 -6.70 11.00 13.40
C VAL A 128 -5.87 10.08 12.50
N SER A 129 -6.46 9.62 11.40
CA SER A 129 -5.76 8.70 10.52
C SER A 129 -4.67 9.41 9.71
N CYS A 130 -4.92 10.64 9.27
CA CYS A 130 -3.90 11.42 8.58
C CYS A 130 -2.72 11.73 9.49
N ALA A 131 -3.01 12.04 10.76
CA ALA A 131 -1.93 12.30 11.72
C ALA A 131 -1.06 11.07 11.89
N ALA A 132 -1.67 9.89 11.90
CA ALA A 132 -0.90 8.65 11.91
C ALA A 132 -0.10 8.49 10.62
N TYR A 133 -0.65 8.92 9.49
CA TYR A 133 0.08 8.82 8.23
C TYR A 133 1.26 9.78 8.21
N LEU A 134 1.07 11.01 8.72
CA LEU A 134 2.17 11.96 8.79
C LEU A 134 3.26 11.46 9.73
N ALA A 135 2.90 10.67 10.73
CA ALA A 135 3.92 10.05 11.58
C ALA A 135 4.75 9.06 10.78
N ILE A 136 4.10 8.22 9.97
CA ILE A 136 4.84 7.31 9.10
C ILE A 136 5.70 8.10 8.11
N VAL A 137 5.20 9.24 7.65
CA VAL A 137 5.97 10.09 6.74
C VAL A 137 7.28 10.50 7.39
N TYR A 138 7.22 10.92 8.66
CA TYR A 138 8.45 11.25 9.36
C TYR A 138 9.33 10.03 9.52
N LEU A 139 8.76 8.91 9.96
CA LEU A 139 9.54 7.71 10.21
C LEU A 139 10.29 7.28 8.96
N LEU A 140 9.66 7.39 7.79
CA LEU A 140 10.31 6.96 6.56
C LEU A 140 11.25 8.03 6.02
N ALA A 141 10.93 9.30 6.23
CA ALA A 141 11.76 10.36 5.66
C ALA A 141 13.00 10.63 6.49
N GLN A 142 12.97 10.33 7.80
CA GLN A 142 14.13 10.68 8.60
C GLN A 142 14.78 9.43 9.20
N PRO A 143 14.23 8.78 10.24
CA PRO A 143 15.03 7.70 10.85
C PRO A 143 15.19 6.48 9.96
N TYR A 144 14.17 6.09 9.20
CA TYR A 144 14.32 4.92 8.35
C TYR A 144 15.34 5.17 7.25
N ARG A 145 15.22 6.29 6.53
CA ARG A 145 16.10 6.55 5.40
C ARG A 145 17.54 6.75 5.88
N ILE A 146 17.72 7.45 6.99
CA ILE A 146 19.07 7.70 7.51
C ILE A 146 19.74 6.39 7.91
N ALA A 147 19.02 5.54 8.65
CA ALA A 147 19.60 4.26 9.08
C ALA A 147 19.91 3.36 7.89
N ALA A 148 19.07 3.40 6.85
CA ALA A 148 19.27 2.50 5.71
C ALA A 148 20.46 2.93 4.86
N GLU A 149 20.66 4.25 4.72
CA GLU A 149 21.79 4.73 3.93
C GLU A 149 23.12 4.43 4.61
N ARG A 150 23.18 4.55 5.94
CA ARG A 150 24.40 4.22 6.65
C ARG A 150 24.78 2.76 6.46
N LYS A 151 23.78 1.86 6.44
CA LYS A 151 24.02 0.45 6.21
C LYS A 151 24.31 0.13 4.75
N HIS A 152 23.98 1.02 3.83
CA HIS A 152 24.22 0.84 2.40
C HIS A 152 24.86 2.12 1.88
N PRO A 153 26.15 2.31 2.15
CA PRO A 153 26.78 3.62 1.91
C PRO A 153 26.84 4.04 0.45
N ARG A 154 27.15 3.11 -0.47
CA ARG A 154 27.28 3.45 -1.87
C ARG A 154 26.02 3.14 -2.68
N SER A 155 24.84 3.26 -2.05
CA SER A 155 23.58 3.05 -2.74
C SER A 155 22.48 3.91 -2.13
N LYS A 156 22.81 5.17 -1.81
CA LYS A 156 21.91 6.05 -1.08
C LYS A 156 20.74 6.54 -1.93
N GLN A 157 20.95 6.75 -3.23
CA GLN A 157 19.84 7.20 -4.07
C GLN A 157 18.75 6.16 -4.16
N ALA A 158 19.11 4.88 -4.03
CA ALA A 158 18.11 3.81 -4.06
C ALA A 158 17.10 3.98 -2.94
N PHE A 159 17.58 4.20 -1.71
CA PHE A 159 16.67 4.38 -0.59
C PHE A 159 15.95 5.72 -0.64
N ARG A 160 16.58 6.75 -1.22
CA ARG A 160 15.85 7.99 -1.47
C ARG A 160 14.73 7.77 -2.46
N THR A 161 14.97 6.98 -3.51
CA THR A 161 13.92 6.67 -4.45
C THR A 161 12.82 5.83 -3.81
N LEU A 162 13.21 4.83 -3.01
CA LEU A 162 12.23 3.97 -2.34
C LEU A 162 11.27 4.78 -1.48
N VAL A 163 11.83 5.62 -0.59
CA VAL A 163 10.99 6.39 0.32
C VAL A 163 10.09 7.34 -0.45
N THR A 164 10.65 8.04 -1.44
CA THR A 164 9.89 9.04 -2.17
C THR A 164 8.72 8.42 -2.92
N VAL A 165 8.96 7.33 -3.65
CA VAL A 165 7.90 6.71 -4.43
C VAL A 165 6.81 6.19 -3.52
N HIS A 166 7.19 5.58 -2.39
CA HIS A 166 6.20 5.12 -1.43
C HIS A 166 5.40 6.28 -0.86
N LEU A 167 6.07 7.39 -0.56
CA LEU A 167 5.40 8.53 0.05
C LEU A 167 4.45 9.21 -0.94
N VAL A 168 4.89 9.39 -2.19
CA VAL A 168 4.01 10.10 -3.13
C VAL A 168 2.81 9.24 -3.48
N LEU A 169 2.99 7.92 -3.59
CA LEU A 169 1.87 7.05 -3.91
C LEU A 169 0.88 6.95 -2.75
N TRP A 170 1.39 6.77 -1.52
CA TRP A 170 0.49 6.60 -0.39
C TRP A 170 -0.23 7.89 -0.02
N THR A 171 0.37 9.05 -0.32
CA THR A 171 -0.25 10.34 -0.02
C THR A 171 -1.52 10.56 -0.83
N LEU A 172 -1.62 9.94 -2.01
CA LEU A 172 -2.82 10.11 -2.81
C LEU A 172 -4.03 9.41 -2.22
N TYR A 173 -3.84 8.36 -1.41
CA TYR A 173 -4.97 7.66 -0.82
C TYR A 173 -5.83 8.56 0.05
N PRO A 174 -5.29 9.32 1.02
CA PRO A 174 -6.16 10.23 1.77
C PRO A 174 -6.70 11.39 0.95
N ILE A 175 -6.08 11.70 -0.19
CA ILE A 175 -6.59 12.75 -1.07
C ILE A 175 -7.81 12.27 -1.84
N VAL A 176 -7.75 11.05 -2.37
CA VAL A 176 -8.91 10.46 -3.04
C VAL A 176 -10.07 10.34 -2.06
N TRP A 177 -9.78 9.95 -0.82
CA TRP A 177 -10.82 9.78 0.19
C TRP A 177 -11.56 11.08 0.46
N ILE A 178 -10.82 12.12 0.87
CA ILE A 178 -11.46 13.38 1.23
C ILE A 178 -12.14 14.04 0.03
N LEU A 179 -11.73 13.70 -1.20
CA LEU A 179 -12.39 14.23 -2.39
C LEU A 179 -13.58 13.37 -2.79
N SER A 180 -13.60 12.10 -2.40
CA SER A 180 -14.67 11.16 -2.64
C SER A 180 -15.93 11.60 -1.90
N PRO A 181 -17.06 10.90 -2.06
CA PRO A 181 -18.23 11.22 -1.24
C PRO A 181 -17.98 11.18 0.26
N GLU A 182 -16.93 10.47 0.69
CA GLU A 182 -16.55 10.48 2.10
C GLU A 182 -16.20 11.88 2.60
N GLY A 183 -15.91 12.80 1.69
CA GLY A 183 -15.55 14.16 2.06
C GLY A 183 -16.37 15.20 1.35
N PHE A 184 -15.78 15.85 0.35
CA PHE A 184 -16.43 16.95 -0.36
C PHE A 184 -17.27 16.52 -1.54
N SER A 185 -17.30 15.22 -1.85
CA SER A 185 -18.12 14.68 -2.95
C SER A 185 -17.78 15.33 -4.28
N THR A 186 -16.49 15.45 -4.57
CA THR A 186 -16.07 16.04 -5.83
C THR A 186 -16.25 15.10 -7.00
N PHE A 187 -16.24 13.78 -6.78
CA PHE A 187 -16.48 12.80 -7.81
C PHE A 187 -17.29 11.65 -7.23
N THR A 188 -17.85 10.82 -8.10
CA THR A 188 -18.72 9.74 -7.67
C THR A 188 -17.93 8.45 -7.51
N GLN A 189 -18.65 7.34 -7.32
CA GLN A 189 -18.01 6.06 -7.02
C GLN A 189 -17.19 5.55 -8.20
N GLY A 190 -17.67 5.78 -9.43
CA GLY A 190 -16.95 5.27 -10.58
C GLY A 190 -15.53 5.81 -10.67
N SER A 191 -15.39 7.13 -10.51
CA SER A 191 -14.06 7.72 -10.49
C SER A 191 -13.26 7.28 -9.27
N GLU A 192 -13.94 7.13 -8.11
CA GLU A 192 -13.27 6.62 -6.92
C GLU A 192 -12.77 5.20 -7.14
N THR A 193 -13.53 4.39 -7.87
CA THR A 193 -13.09 3.01 -8.12
C THR A 193 -11.86 3.00 -9.02
N MET A 194 -11.81 3.84 -10.05
CA MET A 194 -10.65 3.86 -10.94
C MET A 194 -9.41 4.37 -10.21
N PHE A 195 -9.55 5.38 -9.36
CA PHE A 195 -8.41 5.94 -8.65
C PHE A 195 -7.75 4.88 -7.77
N TYR A 196 -8.52 4.29 -6.85
CA TYR A 196 -7.99 3.27 -5.96
C TYR A 196 -7.39 2.11 -6.74
N THR A 197 -8.03 1.72 -7.85
CA THR A 197 -7.53 0.61 -8.65
C THR A 197 -6.15 0.92 -9.23
N LEU A 198 -6.00 2.09 -9.85
CA LEU A 198 -4.71 2.43 -10.42
C LEU A 198 -3.68 2.76 -9.34
N LEU A 199 -4.11 3.31 -8.21
CA LEU A 199 -3.21 3.49 -7.08
C LEU A 199 -2.71 2.13 -6.59
N ASP A 200 -3.63 1.19 -6.36
CA ASP A 200 -3.23 -0.14 -5.88
C ASP A 200 -2.26 -0.79 -6.84
N ILE A 201 -2.47 -0.64 -8.15
CA ILE A 201 -1.53 -1.23 -9.11
C ILE A 201 -0.17 -0.57 -8.97
N ALA A 202 -0.14 0.76 -8.85
CA ALA A 202 1.12 1.47 -8.66
C ALA A 202 1.82 1.08 -7.37
N SER A 203 1.07 0.99 -6.27
CA SER A 203 1.69 0.79 -4.96
C SER A 203 1.96 -0.68 -4.66
N LYS A 204 1.41 -1.61 -5.44
CA LYS A 204 1.67 -3.02 -5.24
C LYS A 204 2.47 -3.61 -6.39
N VAL A 205 1.91 -3.62 -7.61
CA VAL A 205 2.68 -4.11 -8.76
C VAL A 205 3.85 -3.18 -9.04
N GLY A 206 3.57 -1.87 -9.17
CA GLY A 206 4.62 -0.91 -9.44
C GLY A 206 5.69 -0.89 -8.36
N PHE A 207 5.28 -0.77 -7.10
CA PHE A 207 6.26 -0.73 -6.02
C PHE A 207 6.96 -2.07 -5.86
N GLY A 208 6.28 -3.17 -6.18
CA GLY A 208 6.95 -4.46 -6.21
C GLY A 208 8.09 -4.49 -7.21
N PHE A 209 7.89 -3.90 -8.38
CA PHE A 209 8.97 -3.79 -9.37
C PHE A 209 10.12 -2.97 -8.81
N LEU A 210 9.81 -1.83 -8.19
CA LEU A 210 10.85 -0.94 -7.68
C LEU A 210 11.68 -1.60 -6.58
N SER A 211 11.06 -2.47 -5.79
CA SER A 211 11.80 -3.12 -4.69
C SER A 211 12.76 -4.17 -5.22
N LEU A 212 12.35 -4.91 -6.26
CA LEU A 212 13.25 -5.90 -6.84
C LEU A 212 14.48 -5.23 -7.45
N ASN A 213 14.26 -4.18 -8.25
CA ASN A 213 15.39 -3.47 -8.83
C ASN A 213 16.22 -2.77 -7.76
N THR A 214 15.64 -2.45 -6.61
CA THR A 214 16.41 -1.90 -5.51
C THR A 214 17.35 -2.94 -4.93
N LEU A 215 16.85 -4.15 -4.67
CA LEU A 215 17.72 -5.22 -4.20
C LEU A 215 18.85 -5.47 -5.18
N HIS A 216 18.56 -5.41 -6.48
CA HIS A 216 19.61 -5.56 -7.48
C HIS A 216 20.66 -4.46 -7.34
N THR A 217 20.21 -3.21 -7.18
CA THR A 217 21.15 -2.11 -7.00
C THR A 217 22.01 -2.32 -5.75
N LEU A 218 21.39 -2.67 -4.63
CA LEU A 218 22.17 -2.89 -3.41
C LEU A 218 23.13 -4.06 -3.55
N GLU A 219 22.78 -5.06 -4.36
CA GLU A 219 23.64 -6.23 -4.48
C GLU A 219 24.72 -6.06 -5.54
N GLN A 220 24.41 -5.39 -6.66
CA GLN A 220 25.45 -5.05 -7.63
C GLN A 220 26.51 -4.14 -7.02
N ALA A 221 26.18 -3.45 -5.94
CA ALA A 221 27.17 -2.75 -5.13
C ALA A 221 27.84 -3.67 -4.12
N THR A 222 28.19 -4.88 -4.53
CA THR A 222 28.93 -5.82 -3.67
C THR A 222 29.53 -6.96 -4.48
#